data_2X0Q
#
_entry.id   2X0Q
#
_cell.length_a   94.581
_cell.length_b   129.440
_cell.length_c   46.484
_cell.angle_alpha   90.00
_cell.angle_beta   90.00
_cell.angle_gamma   90.00
#
_symmetry.space_group_name_H-M   'P 21 21 2'
#
loop_
_entity.id
_entity.type
_entity.pdbx_description
1 polymer 'ALCALIGIN BIOSYNTHESIS PROTEIN'
2 non-polymer "ADENOSINE-5'-TRIPHOSPHATE"
3 non-polymer 'MAGNESIUM ION'
4 water water
#
_entity_poly.entity_id   1
_entity_poly.type   'polypeptide(L)'
_entity_poly.pdbx_seq_one_letter_code
;MSRTTPPHPAEIVAHLQPEIWNKVNRLLVRKAISEYAHEWLLEPQRLGPGETPGFERFRLTLADGAQYDFDAQVMAMRHW
RIPPESIVKTVAGVPAPLDALQFVIEIRDKLGLPVDRLPIYMDEITSTLHGSAYKHGRTTLGAAALARADYQTIETSMIE
GHPSFVANNGRLGFDAEDYHGYAPEAATPVRLMWLAVHKDNAHFSCLSDMDYDSLMSEELGESAVTDFAARLREQGLHPA
DYYFMPAHPWQWFNKLSLAFAPYVAQRKIVCLGYGEEQYLAQQSIRTFFNISRPGKRYVKTSLSILNMGFMRGLSPYYMA
GTPAINEYIHDLISADPWLRANGFRILREVASMGFRNYYYEAAIDTDTPYKKMFSALWRENPLTLIAPGQNLMTMAALLH
VDPQGRALLPELIQASGLDAGTWLERYVDAYLTPLIHCFYAHDLVFMPHGENVILVIQDGVPVRAFMKDIAEESSILNPQ
VRLPQAAQRLAADVPEAYKLLTIFVDVFEGYFRHLTQILVETELMPEHDFWRLVAGRIAAYQQAHPQRLDKYRRYDLFAP
DMIHSCLNRLQLANNLQMVNLADPIGSFQMAPNLPNPIACFRPSWLGSGEALQTLTAA
;
_entity_poly.pdbx_strand_id   A
#
loop_
_chem_comp.id
_chem_comp.type
_chem_comp.name
_chem_comp.formula
ATP non-polymer ADENOSINE-5'-TRIPHOSPHATE 'C10 H16 N5 O13 P3'
MG non-polymer 'MAGNESIUM ION' 'Mg 2'
#
# COMPACT_ATOMS: atom_id res chain seq x y z
N HIS A 8 28.49 8.20 17.74
CA HIS A 8 28.16 7.38 18.95
C HIS A 8 27.05 6.37 18.62
N PRO A 9 27.28 5.08 18.93
CA PRO A 9 26.34 3.98 18.68
C PRO A 9 24.96 4.19 19.34
N ALA A 10 24.89 5.04 20.35
CA ALA A 10 23.63 5.34 21.04
C ALA A 10 22.71 6.23 20.21
N GLU A 11 23.28 7.13 19.42
CA GLU A 11 22.47 8.08 18.62
C GLU A 11 21.49 7.42 17.67
N ILE A 12 21.82 6.21 17.23
CA ILE A 12 21.01 5.45 16.28
C ILE A 12 19.56 5.19 16.77
N VAL A 13 19.36 5.18 18.08
CA VAL A 13 18.02 5.05 18.64
C VAL A 13 17.70 6.20 19.63
N ALA A 14 18.23 7.39 19.32
CA ALA A 14 17.96 8.59 20.12
C ALA A 14 16.46 8.96 20.12
N HIS A 15 15.72 8.48 19.12
CA HIS A 15 14.27 8.73 19.05
C HIS A 15 13.49 7.88 20.08
N LEU A 16 14.15 6.89 20.67
CA LEU A 16 13.51 6.03 21.66
C LEU A 16 13.67 6.62 23.05
N GLN A 17 12.65 7.39 23.45
CA GLN A 17 12.61 8.07 24.75
C GLN A 17 11.31 7.67 25.47
N PRO A 18 11.30 7.69 26.82
CA PRO A 18 10.15 7.13 27.56
C PRO A 18 8.78 7.74 27.21
N GLU A 19 8.72 9.06 27.10
CA GLU A 19 7.44 9.73 26.93
CA GLU A 19 7.47 9.77 26.92
C GLU A 19 6.84 9.53 25.54
N ILE A 20 7.67 9.63 24.50
CA ILE A 20 7.22 9.40 23.13
C ILE A 20 6.89 7.93 22.93
N TRP A 21 7.67 7.04 23.56
CA TRP A 21 7.37 5.61 23.55
C TRP A 21 5.99 5.33 24.13
N ASN A 22 5.66 5.99 25.24
CA ASN A 22 4.34 5.81 25.83
C ASN A 22 3.22 6.32 24.93
N LYS A 23 3.46 7.46 24.27
CA LYS A 23 2.48 8.04 23.33
C LYS A 23 2.15 7.05 22.19
N VAL A 24 3.19 6.52 21.55
CA VAL A 24 2.96 5.68 20.37
C VAL A 24 2.43 4.30 20.75
N ASN A 25 2.78 3.82 21.95
CA ASN A 25 2.22 2.57 22.42
C ASN A 25 0.73 2.70 22.68
N ARG A 26 0.33 3.84 23.24
CA ARG A 26 -1.10 4.11 23.46
C ARG A 26 -1.87 4.13 22.14
N LEU A 27 -1.30 4.78 21.12
CA LEU A 27 -1.91 4.79 19.78
C LEU A 27 -1.98 3.41 19.12
N LEU A 28 -0.95 2.59 19.30
CA LEU A 28 -0.97 1.25 18.71
C LEU A 28 -1.91 0.31 19.46
N VAL A 29 -2.03 0.47 20.78
CA VAL A 29 -3.03 -0.30 21.55
C VAL A 29 -4.46 0.07 21.08
N ARG A 30 -4.69 1.34 20.81
CA ARG A 30 -5.98 1.78 20.31
C ARG A 30 -6.28 1.05 18.99
N LYS A 31 -5.31 1.06 18.07
CA LYS A 31 -5.50 0.39 16.76
C LYS A 31 -5.69 -1.12 16.90
N ALA A 32 -4.89 -1.75 17.77
CA ALA A 32 -5.01 -3.17 18.06
C ALA A 32 -6.40 -3.53 18.60
N ILE A 33 -6.84 -2.81 19.64
CA ILE A 33 -8.18 -3.07 20.20
C ILE A 33 -9.24 -2.93 19.10
N SER A 34 -9.17 -1.83 18.34
CA SER A 34 -10.17 -1.56 17.29
C SER A 34 -10.17 -2.61 16.19
N GLU A 35 -8.99 -2.92 15.64
CA GLU A 35 -8.91 -3.86 14.52
C GLU A 35 -9.15 -5.29 14.95
N TYR A 36 -8.60 -5.70 16.10
CA TYR A 36 -8.83 -7.08 16.56
C TYR A 36 -10.31 -7.33 16.89
N ALA A 37 -10.96 -6.32 17.46
CA ALA A 37 -12.39 -6.41 17.78
C ALA A 37 -13.23 -6.50 16.51
N HIS A 38 -12.90 -5.66 15.52
CA HIS A 38 -13.55 -5.69 14.21
C HIS A 38 -13.53 -7.10 13.59
N GLU A 39 -12.43 -7.80 13.78
CA GLU A 39 -12.26 -9.14 13.20
C GLU A 39 -12.77 -10.27 14.13
N TRP A 40 -13.42 -9.92 15.22
CA TRP A 40 -13.94 -10.87 16.21
C TRP A 40 -12.87 -11.63 16.98
N LEU A 41 -11.61 -11.19 16.91
CA LEU A 41 -10.57 -11.76 17.76
C LEU A 41 -10.85 -11.36 19.21
N LEU A 42 -11.41 -10.17 19.38
CA LEU A 42 -11.85 -9.67 20.67
C LEU A 42 -13.36 -9.44 20.63
N GLU A 43 -14.00 -9.63 21.78
CA GLU A 43 -15.42 -9.32 21.94
C GLU A 43 -15.59 -8.49 23.22
N PRO A 44 -15.40 -7.17 23.11
CA PRO A 44 -15.49 -6.27 24.27
C PRO A 44 -16.86 -6.33 24.94
N GLN A 45 -16.86 -6.29 26.26
CA GLN A 45 -18.11 -6.35 27.04
C GLN A 45 -18.59 -4.92 27.35
N ARG A 46 -19.83 -4.61 26.97
CA ARG A 46 -20.39 -3.28 27.26
C ARG A 46 -20.69 -3.13 28.76
N LEU A 47 -20.19 -2.05 29.34
CA LEU A 47 -20.39 -1.77 30.76
C LEU A 47 -21.55 -0.80 30.99
N GLY A 48 -21.76 0.08 30.03
CA GLY A 48 -22.75 1.15 30.13
C GLY A 48 -22.31 2.33 29.28
N PRO A 49 -22.94 3.51 29.49
CA PRO A 49 -22.52 4.70 28.74
C PRO A 49 -21.06 5.03 29.00
N GLY A 50 -20.39 5.56 27.97
CA GLY A 50 -18.97 5.90 28.06
C GLY A 50 -18.69 7.23 28.70
N GLU A 51 -17.41 7.58 28.77
CA GLU A 51 -16.96 8.83 29.41
C GLU A 51 -16.77 9.95 28.38
N THR A 52 -17.19 9.68 27.15
CA THR A 52 -17.25 10.66 26.06
C THR A 52 -18.67 10.61 25.51
N PRO A 53 -19.33 11.78 25.33
CA PRO A 53 -20.72 11.79 24.85
C PRO A 53 -20.90 11.01 23.53
N GLY A 54 -21.93 10.18 23.48
CA GLY A 54 -22.21 9.35 22.30
C GLY A 54 -21.45 8.04 22.25
N PHE A 55 -20.59 7.80 23.24
CA PHE A 55 -19.81 6.56 23.30
C PHE A 55 -20.34 5.63 24.39
N GLU A 56 -20.08 4.33 24.24
CA GLU A 56 -20.35 3.34 25.29
C GLU A 56 -19.03 3.00 25.94
N ARG A 57 -19.09 2.55 27.19
CA ARG A 57 -17.92 2.04 27.90
C ARG A 57 -17.81 0.54 27.71
N PHE A 58 -16.64 0.08 27.30
CA PHE A 58 -16.41 -1.35 27.05
C PHE A 58 -15.26 -1.87 27.89
N ARG A 59 -15.27 -3.17 28.15
CA ARG A 59 -14.24 -3.80 28.93
C ARG A 59 -13.69 -5.01 28.21
N LEU A 60 -12.37 -5.19 28.32
CA LEU A 60 -11.71 -6.42 27.94
C LEU A 60 -11.10 -7.03 29.19
N THR A 61 -11.55 -8.23 29.55
CA THR A 61 -11.00 -8.96 30.69
C THR A 61 -10.16 -10.11 30.16
N LEU A 62 -8.88 -10.12 30.55
CA LEU A 62 -8.01 -11.23 30.19
C LEU A 62 -7.76 -12.15 31.41
N ALA A 63 -7.45 -13.42 31.13
CA ALA A 63 -7.45 -14.47 32.16
C ALA A 63 -6.38 -14.35 33.26
N ASP A 64 -5.50 -13.36 33.11
CA ASP A 64 -4.40 -13.21 34.06
CA ASP A 64 -4.31 -13.13 33.94
C ASP A 64 -4.46 -11.92 34.89
N GLY A 65 -5.62 -11.29 34.88
CA GLY A 65 -5.85 -10.12 35.72
C GLY A 65 -5.69 -8.78 35.02
N ALA A 66 -5.27 -8.81 33.75
CA ALA A 66 -5.24 -7.59 32.94
C ALA A 66 -6.66 -7.22 32.51
N GLN A 67 -6.96 -5.92 32.59
CA GLN A 67 -8.26 -5.41 32.23
C GLN A 67 -8.05 -4.12 31.46
N TYR A 68 -8.75 -3.99 30.34
CA TYR A 68 -8.74 -2.78 29.54
C TYR A 68 -10.14 -2.22 29.44
N ASP A 69 -10.34 -1.02 29.98
CA ASP A 69 -11.59 -0.29 29.81
C ASP A 69 -11.36 0.83 28.80
N PHE A 70 -12.36 1.10 27.99
CA PHE A 70 -12.24 2.13 26.96
C PHE A 70 -13.61 2.62 26.51
N ASP A 71 -13.64 3.78 25.87
CA ASP A 71 -14.84 4.27 25.21
C ASP A 71 -14.82 3.78 23.76
N ALA A 72 -15.99 3.40 23.25
CA ALA A 72 -16.13 3.08 21.83
C ALA A 72 -17.51 3.46 21.27
N GLN A 73 -17.52 3.75 19.97
CA GLN A 73 -18.73 3.78 19.17
C GLN A 73 -18.56 2.70 18.12
N VAL A 74 -19.51 1.77 18.03
CA VAL A 74 -19.45 0.77 16.98
C VAL A 74 -20.15 1.32 15.74
N MET A 75 -19.36 1.75 14.75
CA MET A 75 -19.89 2.32 13.52
C MET A 75 -20.24 1.22 12.52
N ALA A 76 -20.57 1.60 11.29
CA ALA A 76 -20.87 0.62 10.23
C ALA A 76 -19.71 -0.34 10.00
N MET A 77 -20.02 -1.53 9.50
CA MET A 77 -19.05 -2.61 9.27
C MET A 77 -18.31 -2.98 10.56
N ARG A 78 -19.03 -3.05 11.67
CA ARG A 78 -18.44 -3.41 12.97
C ARG A 78 -17.11 -2.66 13.18
N HIS A 79 -17.16 -1.35 12.98
CA HIS A 79 -15.96 -0.54 13.16
C HIS A 79 -15.94 0.13 14.52
N TRP A 80 -14.90 -0.20 15.28
CA TRP A 80 -14.75 0.27 16.66
C TRP A 80 -13.98 1.60 16.68
N ARG A 81 -14.73 2.69 16.83
CA ARG A 81 -14.14 4.01 16.95
C ARG A 81 -13.80 4.25 18.42
N ILE A 82 -12.52 4.38 18.72
CA ILE A 82 -12.04 4.48 20.10
C ILE A 82 -11.14 5.70 20.27
N PRO A 83 -11.49 6.61 21.21
CA PRO A 83 -10.58 7.72 21.55
C PRO A 83 -9.38 7.18 22.33
N PRO A 84 -8.15 7.45 21.87
CA PRO A 84 -6.98 6.82 22.50
C PRO A 84 -6.82 7.16 23.98
N GLU A 85 -7.19 8.38 24.37
CA GLU A 85 -7.03 8.80 25.76
C GLU A 85 -8.05 8.17 26.71
N SER A 86 -9.04 7.49 26.16
CA SER A 86 -10.08 6.87 26.97
C SER A 86 -9.69 5.50 27.51
N ILE A 87 -8.60 4.92 26.97
CA ILE A 87 -8.19 3.56 27.30
C ILE A 87 -7.46 3.52 28.63
N VAL A 88 -7.91 2.62 29.51
CA VAL A 88 -7.33 2.51 30.85
C VAL A 88 -6.99 1.06 31.14
N LYS A 89 -5.71 0.81 31.37
CA LYS A 89 -5.29 -0.54 31.70
C LYS A 89 -5.08 -0.64 33.21
N THR A 90 -5.65 -1.67 33.79
CA THR A 90 -5.33 -2.04 35.15
C THR A 90 -4.89 -3.50 35.15
N VAL A 91 -3.79 -3.78 35.85
CA VAL A 91 -3.36 -5.15 36.08
C VAL A 91 -3.67 -5.45 37.52
N ALA A 92 -4.67 -6.30 37.73
CA ALA A 92 -5.16 -6.62 39.07
C ALA A 92 -5.48 -5.36 39.89
N GLY A 93 -6.25 -4.46 39.29
CA GLY A 93 -6.73 -3.25 39.98
C GLY A 93 -5.78 -2.08 39.99
N VAL A 94 -4.53 -2.32 39.62
CA VAL A 94 -3.49 -1.30 39.66
C VAL A 94 -3.28 -0.73 38.25
N PRO A 95 -3.40 0.61 38.09
CA PRO A 95 -3.21 1.20 36.75
C PRO A 95 -1.81 0.94 36.22
N ALA A 96 -1.71 0.59 34.94
CA ALA A 96 -0.44 0.33 34.31
C ALA A 96 -0.35 1.07 32.97
N PRO A 97 0.88 1.37 32.50
CA PRO A 97 1.01 2.06 31.21
C PRO A 97 0.55 1.16 30.07
N LEU A 98 -0.02 1.77 29.03
CA LEU A 98 -0.37 1.02 27.83
C LEU A 98 0.92 0.58 27.13
N ASP A 99 1.01 -0.72 26.85
CA ASP A 99 2.19 -1.33 26.26
C ASP A 99 1.72 -2.29 25.16
N ALA A 100 1.92 -1.89 23.91
CA ALA A 100 1.36 -2.63 22.77
C ALA A 100 1.87 -4.07 22.66
N LEU A 101 3.16 -4.25 22.95
CA LEU A 101 3.74 -5.59 22.92
C LEU A 101 3.19 -6.46 24.04
N GLN A 102 3.01 -5.90 25.23
CA GLN A 102 2.35 -6.63 26.33
C GLN A 102 0.93 -7.02 25.96
N PHE A 103 0.23 -6.13 25.28
CA PHE A 103 -1.15 -6.38 24.89
C PHE A 103 -1.28 -7.58 23.98
N VAL A 104 -0.42 -7.64 22.96
CA VAL A 104 -0.37 -8.78 22.05
C VAL A 104 -0.12 -10.08 22.82
N ILE A 105 0.86 -10.06 23.72
CA ILE A 105 1.15 -11.21 24.57
C ILE A 105 -0.06 -11.61 25.42
N GLU A 106 -0.71 -10.63 26.02
CA GLU A 106 -1.88 -10.90 26.87
C GLU A 106 -3.04 -11.54 26.13
N ILE A 107 -3.14 -11.31 24.83
CA ILE A 107 -4.21 -11.90 24.03
C ILE A 107 -3.75 -13.06 23.12
N ARG A 108 -2.56 -13.59 23.40
CA ARG A 108 -1.94 -14.58 22.50
C ARG A 108 -2.77 -15.86 22.30
N ASP A 109 -3.52 -16.28 23.32
CA ASP A 109 -4.46 -17.42 23.18
C ASP A 109 -5.56 -17.14 22.14
N LYS A 110 -6.03 -15.90 22.08
CA LYS A 110 -7.12 -15.51 21.17
C LYS A 110 -6.63 -15.31 19.74
N LEU A 111 -5.35 -15.01 19.57
CA LEU A 111 -4.78 -14.71 18.27
C LEU A 111 -4.61 -15.94 17.38
N GLY A 112 -4.19 -17.04 17.98
CA GLY A 112 -3.97 -18.28 17.25
C GLY A 112 -2.72 -18.20 16.38
N LEU A 113 -1.67 -17.57 16.90
CA LEU A 113 -0.37 -17.59 16.25
C LEU A 113 0.31 -18.92 16.54
N PRO A 114 0.88 -19.55 15.49
CA PRO A 114 1.80 -20.67 15.74
C PRO A 114 2.95 -20.22 16.63
N VAL A 115 3.33 -21.05 17.59
CA VAL A 115 4.42 -20.74 18.54
C VAL A 115 5.74 -20.49 17.78
N ASP A 116 5.76 -20.84 16.50
CA ASP A 116 6.91 -20.66 15.65
C ASP A 116 6.91 -19.27 15.01
N ARG A 117 5.72 -18.70 14.86
CA ARG A 117 5.51 -17.44 14.14
C ARG A 117 5.25 -16.25 15.08
N LEU A 118 4.86 -16.53 16.33
CA LEU A 118 4.59 -15.48 17.33
C LEU A 118 5.75 -14.49 17.58
N PRO A 119 6.99 -15.00 17.79
CA PRO A 119 8.12 -14.09 18.01
C PRO A 119 8.37 -13.16 16.83
N ILE A 120 8.11 -13.64 15.62
CA ILE A 120 8.25 -12.81 14.42
C ILE A 120 7.20 -11.69 14.46
N TYR A 121 5.94 -12.06 14.74
CA TYR A 121 4.86 -11.08 14.85
C TYR A 121 5.21 -10.01 15.90
N MET A 122 5.74 -10.47 17.03
CA MET A 122 6.17 -9.58 18.11
C MET A 122 7.23 -8.57 17.64
N ASP A 123 8.22 -9.07 16.89
CA ASP A 123 9.26 -8.20 16.32
C ASP A 123 8.71 -7.18 15.35
N GLU A 124 7.71 -7.59 14.57
CA GLU A 124 7.01 -6.68 13.67
C GLU A 124 6.28 -5.58 14.43
N ILE A 125 5.63 -5.94 15.54
CA ILE A 125 5.00 -4.95 16.42
C ILE A 125 6.03 -3.98 16.97
N THR A 126 7.14 -4.51 17.51
CA THR A 126 8.19 -3.69 18.11
C THR A 126 8.79 -2.72 17.10
N SER A 127 9.05 -3.22 15.90
CA SER A 127 9.64 -2.39 14.86
C SER A 127 8.65 -1.31 14.36
N THR A 128 7.37 -1.66 14.31
CA THR A 128 6.27 -0.70 13.99
C THR A 128 6.25 0.45 15.01
N LEU A 129 6.37 0.09 16.29
CA LEU A 129 6.45 1.06 17.39
C LEU A 129 7.71 1.92 17.31
N HIS A 130 8.86 1.32 17.05
CA HIS A 130 10.09 2.10 16.93
C HIS A 130 10.01 3.13 15.80
N GLY A 131 9.44 2.71 14.66
CA GLY A 131 9.22 3.63 13.55
C GLY A 131 8.24 4.74 13.90
N SER A 132 7.19 4.38 14.66
CA SER A 132 6.16 5.32 15.07
C SER A 132 6.78 6.40 15.95
N ALA A 133 7.62 5.99 16.90
CA ALA A 133 8.38 6.90 17.75
C ALA A 133 9.24 7.87 16.93
N TYR A 134 9.90 7.35 15.89
CA TYR A 134 10.73 8.19 15.02
C TYR A 134 9.87 9.20 14.26
N LYS A 135 8.76 8.68 13.72
CA LYS A 135 7.85 9.47 12.92
C LYS A 135 7.16 10.57 13.72
N HIS A 136 6.77 10.26 14.96
CA HIS A 136 6.12 11.26 15.81
C HIS A 136 7.08 12.31 16.36
N GLY A 137 8.36 11.95 16.45
CA GLY A 137 9.37 12.83 17.04
C GLY A 137 10.17 13.64 16.03
N ARG A 138 10.08 13.29 14.75
CA ARG A 138 10.87 14.00 13.74
C ARG A 138 10.26 15.37 13.40
N THR A 139 11.05 16.20 12.72
CA THR A 139 10.57 17.47 12.20
C THR A 139 9.50 17.17 11.15
N THR A 140 8.29 17.66 11.41
CA THR A 140 7.13 17.35 10.59
C THR A 140 6.37 18.63 10.22
N LEU A 141 5.72 18.60 9.05
CA LEU A 141 4.73 19.63 8.72
C LEU A 141 3.44 19.28 9.46
N GLY A 142 2.71 20.31 9.91
CA GLY A 142 1.38 20.11 10.45
C GLY A 142 0.39 19.76 9.35
N ALA A 143 -0.80 19.32 9.75
CA ALA A 143 -1.85 18.87 8.82
C ALA A 143 -2.16 19.90 7.74
N ALA A 144 -2.34 21.15 8.15
CA ALA A 144 -2.68 22.25 7.25
C ALA A 144 -1.61 22.49 6.18
N ALA A 145 -0.34 22.46 6.57
CA ALA A 145 0.75 22.66 5.59
C ALA A 145 0.87 21.45 4.66
N LEU A 146 0.67 20.25 5.21
CA LEU A 146 0.84 19.03 4.45
C LEU A 146 -0.24 18.90 3.38
N ALA A 147 -1.45 19.37 3.71
CA ALA A 147 -2.57 19.38 2.76
C ALA A 147 -2.24 20.13 1.48
N ARG A 148 -1.28 21.05 1.54
CA ARG A 148 -0.91 21.84 0.36
C ARG A 148 0.53 21.62 -0.13
N ALA A 149 1.18 20.58 0.40
CA ALA A 149 2.58 20.32 0.08
C ALA A 149 2.76 19.61 -1.26
N ASP A 150 4.01 19.50 -1.72
CA ASP A 150 4.31 18.83 -2.98
C ASP A 150 4.20 17.32 -2.80
N TYR A 151 4.16 16.61 -3.92
CA TYR A 151 3.96 15.18 -3.98
C TYR A 151 4.89 14.40 -3.02
N GLN A 152 6.20 14.61 -3.16
CA GLN A 152 7.19 13.84 -2.40
C GLN A 152 7.26 14.21 -0.91
N THR A 153 7.00 15.47 -0.61
CA THR A 153 6.85 15.90 0.79
C THR A 153 5.69 15.14 1.45
N ILE A 154 4.56 15.02 0.75
CA ILE A 154 3.42 14.27 1.28
C ILE A 154 3.78 12.80 1.45
N GLU A 155 4.41 12.23 0.42
CA GLU A 155 4.79 10.83 0.40
C GLU A 155 5.65 10.44 1.61
N THR A 156 6.65 11.27 1.90
CA THR A 156 7.61 10.94 2.94
C THR A 156 7.11 11.33 4.34
N SER A 157 6.02 12.09 4.40
CA SER A 157 5.45 12.57 5.67
C SER A 157 4.32 11.71 6.23
N MET A 158 3.93 10.67 5.50
CA MET A 158 2.91 9.74 5.99
C MET A 158 3.36 9.02 7.26
N ILE A 159 2.41 8.77 8.16
CA ILE A 159 2.72 8.21 9.47
C ILE A 159 2.09 6.84 9.69
N GLU A 160 0.81 6.72 9.36
CA GLU A 160 0.02 5.54 9.73
C GLU A 160 0.49 4.23 9.11
N GLY A 161 0.69 4.23 7.79
CA GLY A 161 0.87 3.00 7.04
C GLY A 161 -0.50 2.43 6.73
N HIS A 162 -0.54 1.17 6.30
CA HIS A 162 -1.82 0.53 6.03
C HIS A 162 -2.75 0.67 7.26
N PRO A 163 -3.97 1.23 7.04
CA PRO A 163 -4.86 1.56 8.16
C PRO A 163 -5.49 0.37 8.88
N SER A 164 -5.46 -0.83 8.29
CA SER A 164 -6.05 -2.02 8.93
C SER A 164 -5.03 -2.91 9.65
N PHE A 165 -3.84 -3.10 9.06
CA PHE A 165 -2.83 -4.00 9.65
C PHE A 165 -2.21 -3.34 10.87
N VAL A 166 -2.26 -4.03 12.00
CA VAL A 166 -1.66 -3.55 13.24
C VAL A 166 -0.13 -3.58 13.13
N ALA A 167 0.45 -4.73 12.79
CA ALA A 167 1.88 -4.85 12.61
C ALA A 167 2.23 -4.59 11.15
N ASN A 168 2.12 -3.31 10.76
CA ASN A 168 2.16 -2.92 9.34
C ASN A 168 3.49 -2.37 8.83
N ASN A 169 4.38 -1.99 9.76
CA ASN A 169 5.63 -1.30 9.41
C ASN A 169 6.87 -1.96 10.05
N GLY A 170 6.99 -3.27 9.95
CA GLY A 170 8.09 -4.01 10.58
C GLY A 170 9.44 -3.83 9.91
N ARG A 171 9.47 -3.87 8.58
CA ARG A 171 10.74 -3.77 7.82
C ARG A 171 11.86 -4.63 8.45
N LEU A 172 11.52 -5.87 8.80
CA LEU A 172 12.47 -6.75 9.48
C LEU A 172 13.60 -7.13 8.53
N GLY A 173 14.82 -6.87 8.97
CA GLY A 173 16.00 -6.98 8.11
C GLY A 173 16.79 -5.70 8.08
N PHE A 174 16.11 -4.56 8.15
CA PHE A 174 16.78 -3.26 8.28
C PHE A 174 17.35 -3.17 9.70
N ASP A 175 18.67 -3.02 9.83
CA ASP A 175 19.24 -2.77 11.15
C ASP A 175 19.06 -1.29 11.52
N ALA A 176 19.57 -0.89 12.68
CA ALA A 176 19.36 0.48 13.15
C ALA A 176 19.92 1.54 12.18
N GLU A 177 21.09 1.30 11.61
CA GLU A 177 21.68 2.21 10.63
C GLU A 177 20.91 2.18 9.30
N ASP A 178 20.53 0.99 8.85
CA ASP A 178 19.70 0.84 7.63
C ASP A 178 18.45 1.70 7.71
N TYR A 179 17.81 1.67 8.87
CA TYR A 179 16.59 2.47 9.09
C TYR A 179 16.77 3.95 8.70
N HIS A 180 17.81 4.59 9.21
CA HIS A 180 18.04 6.02 8.96
C HIS A 180 18.43 6.35 7.51
N GLY A 181 18.93 5.35 6.80
CA GLY A 181 19.35 5.53 5.42
C GLY A 181 18.26 5.19 4.43
N TYR A 182 17.40 4.22 4.77
CA TYR A 182 16.47 3.62 3.80
C TYR A 182 14.97 3.68 4.11
N ALA A 183 14.60 3.90 5.37
CA ALA A 183 13.16 3.95 5.69
C ALA A 183 12.56 5.19 5.02
N PRO A 184 11.36 5.04 4.41
CA PRO A 184 10.75 6.16 3.68
C PRO A 184 10.63 7.44 4.51
N GLU A 185 10.27 7.28 5.79
CA GLU A 185 10.05 8.41 6.70
C GLU A 185 11.35 9.13 7.08
N ALA A 186 12.49 8.48 6.87
CA ALA A 186 13.76 9.16 7.12
C ALA A 186 14.13 10.15 6.00
N ALA A 187 13.47 10.01 4.84
CA ALA A 187 13.60 10.92 3.70
C ALA A 187 15.05 11.22 3.30
N THR A 188 15.89 10.19 3.36
CA THR A 188 17.30 10.31 3.03
C THR A 188 17.47 9.94 1.57
N PRO A 189 18.09 10.83 0.77
CA PRO A 189 18.32 10.49 -0.64
C PRO A 189 19.14 9.21 -0.77
N VAL A 190 18.76 8.37 -1.73
CA VAL A 190 19.38 7.06 -1.94
C VAL A 190 19.88 7.00 -3.38
N ARG A 191 21.09 6.46 -3.57
CA ARG A 191 21.55 6.19 -4.93
C ARG A 191 21.42 4.70 -5.17
N LEU A 192 20.95 4.34 -6.36
CA LEU A 192 20.82 2.94 -6.74
C LEU A 192 22.18 2.29 -6.98
N MET A 193 22.26 0.98 -6.75
CA MET A 193 23.42 0.19 -7.13
C MET A 193 23.19 -0.35 -8.53
N TRP A 194 24.17 -0.17 -9.43
CA TRP A 194 24.04 -0.68 -10.79
C TRP A 194 24.92 -1.90 -10.97
N LEU A 195 24.35 -2.93 -11.60
CA LEU A 195 25.08 -4.17 -11.83
C LEU A 195 24.99 -4.57 -13.29
N ALA A 196 26.08 -5.13 -13.79
CA ALA A 196 26.01 -5.81 -15.08
C ALA A 196 25.55 -7.21 -14.77
N VAL A 197 24.52 -7.65 -15.48
CA VAL A 197 23.98 -8.99 -15.29
C VAL A 197 24.03 -9.78 -16.61
N HIS A 198 24.51 -11.01 -16.53
CA HIS A 198 24.62 -11.84 -17.74
C HIS A 198 23.25 -12.24 -18.30
N LYS A 199 23.14 -12.18 -19.64
CA LYS A 199 21.88 -12.52 -20.33
C LYS A 199 21.43 -13.99 -20.15
N ASP A 200 22.33 -14.89 -19.77
CA ASP A 200 21.94 -16.27 -19.42
C ASP A 200 21.00 -16.27 -18.23
N ASN A 201 21.15 -15.29 -17.35
CA ASN A 201 20.33 -15.19 -16.14
C ASN A 201 19.26 -14.09 -16.18
N ALA A 202 19.58 -12.97 -16.81
CA ALA A 202 18.71 -11.78 -16.83
C ALA A 202 17.81 -11.72 -18.05
N HIS A 203 16.51 -11.54 -17.82
CA HIS A 203 15.53 -11.45 -18.89
C HIS A 203 14.94 -10.04 -18.87
N PHE A 204 14.98 -9.38 -20.04
CA PHE A 204 14.42 -8.04 -20.19
C PHE A 204 13.07 -8.06 -20.93
N SER A 205 12.11 -7.27 -20.44
CA SER A 205 10.83 -7.04 -21.13
C SER A 205 10.46 -5.57 -21.12
N CYS A 206 9.70 -5.15 -22.11
CA CYS A 206 9.25 -3.77 -22.19
C CYS A 206 8.07 -3.62 -23.13
N LEU A 207 7.53 -2.41 -23.19
CA LEU A 207 6.41 -2.08 -24.10
C LEU A 207 6.82 -2.33 -25.54
N SER A 208 5.83 -2.64 -26.38
CA SER A 208 6.10 -3.01 -27.77
C SER A 208 6.83 -1.92 -28.58
N ASP A 209 6.66 -0.65 -28.21
CA ASP A 209 7.29 0.48 -28.92
C ASP A 209 8.55 0.99 -28.22
N MET A 210 9.05 0.21 -27.27
CA MET A 210 10.26 0.54 -26.55
C MET A 210 11.29 -0.52 -26.84
N ASP A 211 12.54 -0.22 -26.54
CA ASP A 211 13.53 -1.27 -26.41
C ASP A 211 14.53 -0.92 -25.30
N TYR A 212 15.41 -1.88 -24.99
CA TYR A 212 16.38 -1.73 -23.93
C TYR A 212 17.25 -0.50 -24.12
N ASP A 213 17.69 -0.29 -25.36
CA ASP A 213 18.56 0.83 -25.70
C ASP A 213 17.88 2.17 -25.44
N SER A 214 16.61 2.29 -25.83
CA SER A 214 15.88 3.55 -25.62
C SER A 214 15.57 3.77 -24.14
N LEU A 215 15.25 2.71 -23.41
CA LEU A 215 15.04 2.82 -21.96
C LEU A 215 16.31 3.35 -21.29
N MET A 216 17.44 2.73 -21.60
CA MET A 216 18.72 3.09 -20.95
C MET A 216 19.14 4.49 -21.33
N SER A 217 18.87 4.87 -22.58
CA SER A 217 19.12 6.21 -23.07
C SER A 217 18.36 7.27 -22.27
N GLU A 218 17.09 7.00 -21.98
CA GLU A 218 16.27 7.90 -21.16
C GLU A 218 16.67 7.86 -19.68
N GLU A 219 16.96 6.67 -19.17
CA GLU A 219 17.13 6.50 -17.73
C GLU A 219 18.55 6.79 -17.22
N LEU A 220 19.54 6.20 -17.87
CA LEU A 220 20.93 6.42 -17.49
C LEU A 220 21.61 7.49 -18.34
N GLY A 221 21.25 7.52 -19.63
CA GLY A 221 21.89 8.43 -20.58
C GLY A 221 23.08 7.75 -21.23
N GLU A 222 23.40 8.16 -22.45
CA GLU A 222 24.44 7.51 -23.26
C GLU A 222 25.79 7.48 -22.56
N SER A 223 26.15 8.59 -21.93
CA SER A 223 27.42 8.73 -21.20
C SER A 223 27.65 7.65 -20.15
N ALA A 224 26.70 7.48 -19.23
CA ALA A 224 26.82 6.47 -18.18
C ALA A 224 26.79 5.05 -18.76
N VAL A 225 25.89 4.83 -19.72
CA VAL A 225 25.82 3.54 -20.45
C VAL A 225 27.17 3.18 -21.10
N THR A 226 27.72 4.13 -21.86
CA THR A 226 29.05 4.02 -22.47
C THR A 226 30.11 3.61 -21.46
N ASP A 227 30.17 4.34 -20.35
CA ASP A 227 31.14 4.07 -19.29
C ASP A 227 31.01 2.64 -18.74
N PHE A 228 29.77 2.22 -18.48
CA PHE A 228 29.52 0.88 -17.94
C PHE A 228 30.03 -0.19 -18.90
N ALA A 229 29.71 -0.05 -20.18
CA ALA A 229 30.14 -1.00 -21.22
C ALA A 229 31.65 -1.05 -21.37
N ALA A 230 32.26 0.13 -21.34
CA ALA A 230 33.72 0.25 -21.42
C ALA A 230 34.41 -0.40 -20.21
N ARG A 231 33.78 -0.31 -19.04
CA ARG A 231 34.29 -0.98 -17.83
C ARG A 231 34.22 -2.51 -17.90
N LEU A 232 33.18 -3.03 -18.54
CA LEU A 232 33.11 -4.46 -18.85
C LEU A 232 34.23 -4.90 -19.80
N ARG A 233 34.39 -4.18 -20.92
CA ARG A 233 35.45 -4.51 -21.89
C ARG A 233 36.82 -4.44 -21.24
N GLU A 234 37.04 -3.41 -20.42
CA GLU A 234 38.34 -3.20 -19.79
C GLU A 234 38.76 -4.42 -18.99
N GLN A 235 37.80 -5.06 -18.32
CA GLN A 235 38.11 -6.24 -17.53
C GLN A 235 37.94 -7.54 -18.32
N GLY A 236 37.85 -7.43 -19.65
CA GLY A 236 37.89 -8.59 -20.52
C GLY A 236 36.57 -9.33 -20.67
N LEU A 237 35.46 -8.59 -20.57
CA LEU A 237 34.13 -9.15 -20.77
C LEU A 237 33.48 -8.53 -22.01
N HIS A 238 32.50 -9.24 -22.59
CA HIS A 238 31.76 -8.68 -23.73
C HIS A 238 30.46 -8.02 -23.28
N PRO A 239 30.34 -6.68 -23.46
CA PRO A 239 29.12 -5.94 -23.10
C PRO A 239 27.86 -6.53 -23.71
N ALA A 240 27.98 -7.15 -24.88
CA ALA A 240 26.82 -7.77 -25.55
C ALA A 240 26.23 -8.95 -24.79
N ASP A 241 27.02 -9.53 -23.88
CA ASP A 241 26.57 -10.64 -23.02
C ASP A 241 25.81 -10.21 -21.76
N TYR A 242 25.69 -8.89 -21.56
CA TYR A 242 25.15 -8.32 -20.30
C TYR A 242 24.07 -7.25 -20.51
N TYR A 243 23.14 -7.17 -19.56
CA TYR A 243 22.28 -6.01 -19.40
C TYR A 243 22.79 -5.22 -18.19
N PHE A 244 22.38 -3.95 -18.08
CA PHE A 244 22.63 -3.19 -16.85
C PHE A 244 21.36 -3.09 -16.06
N MET A 245 21.47 -3.37 -14.76
CA MET A 245 20.31 -3.56 -13.94
C MET A 245 20.52 -2.90 -12.57
N PRO A 246 19.50 -2.17 -12.08
CA PRO A 246 19.60 -1.54 -10.76
C PRO A 246 19.13 -2.43 -9.62
N ALA A 247 19.68 -2.17 -8.44
CA ALA A 247 19.28 -2.86 -7.23
C ALA A 247 19.25 -1.88 -6.08
N HIS A 248 18.43 -2.20 -5.09
CA HIS A 248 18.48 -1.50 -3.80
C HIS A 248 19.86 -1.75 -3.18
N PRO A 249 20.56 -0.69 -2.76
CA PRO A 249 21.89 -0.92 -2.16
C PRO A 249 21.88 -1.88 -0.97
N TRP A 250 20.85 -1.83 -0.12
CA TRP A 250 20.72 -2.83 0.95
C TRP A 250 20.76 -4.25 0.38
N GLN A 251 20.04 -4.46 -0.73
CA GLN A 251 19.97 -5.79 -1.34
C GLN A 251 21.34 -6.27 -1.82
N TRP A 252 22.14 -5.36 -2.41
CA TRP A 252 23.51 -5.72 -2.79
C TRP A 252 24.35 -6.18 -1.59
N PHE A 253 24.39 -5.36 -0.54
CA PHE A 253 25.25 -5.65 0.62
C PHE A 253 24.80 -6.85 1.45
N ASN A 254 23.49 -7.02 1.56
CA ASN A 254 22.93 -8.04 2.44
C ASN A 254 22.58 -9.35 1.76
N LYS A 255 22.24 -9.30 0.48
CA LYS A 255 21.74 -10.49 -0.23
C LYS A 255 22.54 -10.88 -1.46
N LEU A 256 22.67 -9.99 -2.42
CA LEU A 256 23.29 -10.34 -3.70
C LEU A 256 24.79 -10.68 -3.61
N SER A 257 25.56 -9.85 -2.90
CA SER A 257 27.01 -10.08 -2.76
C SER A 257 27.32 -11.44 -2.11
N LEU A 258 26.42 -11.91 -1.23
CA LEU A 258 26.67 -13.12 -0.45
C LEU A 258 25.93 -14.32 -0.98
N ALA A 259 24.59 -14.26 -0.97
CA ALA A 259 23.78 -15.39 -1.41
C ALA A 259 23.95 -15.72 -2.90
N PHE A 260 24.26 -14.70 -3.70
CA PHE A 260 24.54 -14.86 -5.14
C PHE A 260 26.05 -14.90 -5.45
N ALA A 261 26.86 -15.20 -4.42
CA ALA A 261 28.32 -15.29 -4.59
C ALA A 261 28.79 -16.10 -5.81
N PRO A 262 28.19 -17.28 -6.09
CA PRO A 262 28.71 -18.00 -7.27
C PRO A 262 28.61 -17.20 -8.55
N TYR A 263 27.51 -16.46 -8.72
CA TYR A 263 27.34 -15.58 -9.87
C TYR A 263 28.32 -14.40 -9.89
N VAL A 264 28.60 -13.82 -8.72
CA VAL A 264 29.61 -12.77 -8.64
C VAL A 264 30.98 -13.35 -9.00
N ALA A 265 31.32 -14.49 -8.42
CA ALA A 265 32.62 -15.13 -8.67
C ALA A 265 32.80 -15.50 -10.14
N GLN A 266 31.73 -16.01 -10.76
CA GLN A 266 31.76 -16.36 -12.18
C GLN A 266 31.62 -15.16 -13.11
N ARG A 267 31.45 -13.97 -12.55
CA ARG A 267 31.23 -12.73 -13.30
C ARG A 267 29.92 -12.69 -14.11
N LYS A 268 28.92 -13.41 -13.64
CA LYS A 268 27.57 -13.31 -14.20
C LYS A 268 26.89 -12.08 -13.62
N ILE A 269 27.41 -11.63 -12.47
CA ILE A 269 27.02 -10.38 -11.85
C ILE A 269 28.29 -9.59 -11.62
N VAL A 270 28.33 -8.35 -12.10
CA VAL A 270 29.46 -7.47 -11.89
C VAL A 270 28.95 -6.16 -11.30
N CYS A 271 29.43 -5.82 -10.11
CA CYS A 271 29.00 -4.60 -9.44
C CYS A 271 29.65 -3.38 -10.06
N LEU A 272 28.83 -2.49 -10.61
CA LEU A 272 29.35 -1.29 -11.27
C LEU A 272 29.31 -0.05 -10.40
N GLY A 273 28.76 -0.17 -9.20
CA GLY A 273 28.77 0.93 -8.24
C GLY A 273 27.48 1.72 -8.23
N TYR A 274 27.47 2.78 -7.44
CA TYR A 274 26.29 3.62 -7.28
C TYR A 274 26.04 4.47 -8.53
N GLY A 275 24.79 4.64 -8.90
CA GLY A 275 24.39 5.63 -9.91
C GLY A 275 24.67 7.03 -9.40
N GLU A 276 24.64 8.00 -10.30
CA GLU A 276 24.87 9.41 -9.96
C GLU A 276 23.59 10.06 -9.46
N GLU A 277 22.45 9.61 -9.98
CA GLU A 277 21.18 10.23 -9.63
C GLU A 277 20.67 9.77 -8.28
N GLN A 278 19.96 10.67 -7.62
CA GLN A 278 19.44 10.41 -6.28
C GLN A 278 17.95 10.20 -6.30
N TYR A 279 17.49 9.33 -5.40
CA TYR A 279 16.09 8.92 -5.29
C TYR A 279 15.59 9.03 -3.84
N LEU A 280 14.27 9.09 -3.68
CA LEU A 280 13.64 8.93 -2.38
C LEU A 280 12.84 7.65 -2.38
N ALA A 281 12.98 6.88 -1.31
CA ALA A 281 12.17 5.69 -1.08
C ALA A 281 10.73 6.11 -0.88
N GLN A 282 9.83 5.43 -1.60
CA GLN A 282 8.41 5.68 -1.48
C GLN A 282 7.86 4.89 -0.31
N GLN A 283 6.56 5.04 -0.05
CA GLN A 283 5.93 4.36 1.08
C GLN A 283 6.03 2.83 1.03
N SER A 284 6.18 2.26 -0.16
CA SER A 284 6.40 0.82 -0.32
C SER A 284 7.84 0.39 -0.04
N ILE A 285 8.70 1.35 0.27
CA ILE A 285 10.10 1.11 0.73
C ILE A 285 11.08 0.74 -0.39
N ARG A 286 10.66 -0.21 -1.23
CA ARG A 286 11.49 -0.78 -2.29
C ARG A 286 11.30 -0.09 -3.65
N THR A 287 10.44 0.93 -3.70
CA THR A 287 10.22 1.67 -4.93
C THR A 287 10.73 3.10 -4.73
N PHE A 288 11.33 3.65 -5.79
CA PHE A 288 12.10 4.88 -5.69
C PHE A 288 11.68 5.91 -6.72
N PHE A 289 11.49 7.15 -6.25
CA PHE A 289 11.18 8.29 -7.10
C PHE A 289 12.46 9.10 -7.31
N ASN A 290 12.74 9.43 -8.58
CA ASN A 290 13.93 10.19 -8.93
C ASN A 290 13.80 11.66 -8.53
N ILE A 291 14.69 12.12 -7.66
CA ILE A 291 14.69 13.53 -7.23
C ILE A 291 15.85 14.36 -7.79
N SER A 292 16.55 13.81 -8.77
CA SER A 292 17.65 14.51 -9.42
C SER A 292 17.19 15.18 -10.70
N ARG A 293 16.31 14.50 -11.44
CA ARG A 293 15.85 14.98 -12.73
C ARG A 293 14.33 14.81 -12.87
N PRO A 294 13.67 15.67 -13.68
CA PRO A 294 12.22 15.55 -13.85
C PRO A 294 11.85 14.50 -14.90
N GLY A 295 10.63 13.98 -14.81
CA GLY A 295 10.08 13.10 -15.84
C GLY A 295 10.57 11.66 -15.82
N LYS A 296 11.51 11.35 -14.92
CA LYS A 296 12.12 10.03 -14.88
C LYS A 296 11.20 9.02 -14.20
N ARG A 297 11.33 7.76 -14.62
CA ARG A 297 10.50 6.70 -14.11
C ARG A 297 10.86 6.33 -12.67
N TYR A 298 9.87 5.85 -11.92
CA TYR A 298 10.16 5.21 -10.63
C TYR A 298 10.94 3.96 -10.93
N VAL A 299 11.81 3.57 -10.00
CA VAL A 299 12.47 2.27 -10.08
C VAL A 299 12.01 1.45 -8.88
N LYS A 300 11.46 0.27 -9.17
CA LYS A 300 11.01 -0.66 -8.14
C LYS A 300 12.03 -1.79 -8.06
N THR A 301 12.42 -2.15 -6.84
CA THR A 301 13.47 -3.15 -6.63
C THR A 301 13.05 -4.32 -5.73
N SER A 302 13.73 -5.44 -5.89
CA SER A 302 13.60 -6.55 -4.94
C SER A 302 14.35 -6.18 -3.66
N LEU A 303 13.66 -6.30 -2.52
CA LEU A 303 14.25 -6.02 -1.21
C LEU A 303 13.83 -7.11 -0.22
N SER A 304 14.79 -7.94 0.20
CA SER A 304 14.49 -9.06 1.09
C SER A 304 14.32 -8.66 2.56
N ILE A 305 13.35 -7.79 2.80
CA ILE A 305 12.90 -7.50 4.16
C ILE A 305 11.46 -7.97 4.28
N LEU A 306 11.05 -8.29 5.51
CA LEU A 306 9.68 -8.68 5.79
C LEU A 306 8.86 -7.45 6.19
N ASN A 307 7.83 -7.16 5.41
CA ASN A 307 6.94 -6.08 5.76
C ASN A 307 5.50 -6.47 5.51
N MET A 308 4.67 -6.31 6.54
CA MET A 308 3.21 -6.45 6.39
C MET A 308 2.74 -7.72 5.65
N GLY A 309 3.14 -8.88 6.17
CA GLY A 309 2.72 -10.17 5.62
C GLY A 309 3.63 -10.82 4.59
N PHE A 310 4.60 -10.10 4.05
CA PHE A 310 5.36 -10.56 2.88
C PHE A 310 6.81 -10.10 2.86
N MET A 311 7.70 -10.97 2.42
CA MET A 311 9.04 -10.56 1.99
C MET A 311 8.88 -9.74 0.72
N ARG A 312 9.66 -8.68 0.59
CA ARG A 312 9.41 -7.66 -0.45
C ARG A 312 10.31 -7.80 -1.69
N GLY A 313 10.57 -9.05 -2.07
CA GLY A 313 11.27 -9.34 -3.31
C GLY A 313 10.41 -9.02 -4.52
N LEU A 314 10.89 -9.40 -5.70
CA LEU A 314 10.21 -9.10 -6.93
C LEU A 314 10.50 -10.28 -7.83
N SER A 315 9.43 -10.92 -8.34
CA SER A 315 9.53 -12.20 -9.05
C SER A 315 9.93 -12.05 -10.51
N PRO A 316 11.02 -12.75 -10.93
CA PRO A 316 11.39 -12.80 -12.36
C PRO A 316 10.29 -13.38 -13.26
N TYR A 317 9.59 -14.41 -12.78
CA TYR A 317 8.44 -14.95 -13.53
C TYR A 317 7.37 -13.87 -13.74
N TYR A 318 7.00 -13.15 -12.68
CA TYR A 318 6.08 -12.02 -12.83
C TYR A 318 6.61 -10.93 -13.73
N MET A 319 7.92 -10.63 -13.62
CA MET A 319 8.52 -9.58 -14.44
C MET A 319 8.37 -9.83 -15.94
N ALA A 320 8.40 -11.09 -16.35
CA ALA A 320 8.39 -11.44 -17.79
C ALA A 320 7.17 -10.88 -18.54
N GLY A 321 6.00 -10.95 -17.90
CA GLY A 321 4.77 -10.50 -18.54
C GLY A 321 4.29 -9.12 -18.08
N THR A 322 5.04 -8.49 -17.17
CA THR A 322 4.61 -7.23 -16.57
C THR A 322 4.34 -6.13 -17.61
N PRO A 323 5.32 -5.82 -18.49
CA PRO A 323 5.03 -4.77 -19.46
C PRO A 323 3.90 -5.10 -20.42
N ALA A 324 3.76 -6.37 -20.81
CA ALA A 324 2.67 -6.80 -21.70
C ALA A 324 1.30 -6.62 -21.04
N ILE A 325 1.20 -7.02 -19.77
CA ILE A 325 -0.01 -6.80 -18.98
C ILE A 325 -0.38 -5.31 -18.89
N ASN A 326 0.60 -4.46 -18.58
CA ASN A 326 0.38 -3.02 -18.51
C ASN A 326 -0.03 -2.41 -19.85
N GLU A 327 0.62 -2.84 -20.93
CA GLU A 327 0.28 -2.35 -22.27
C GLU A 327 -1.16 -2.70 -22.62
N TYR A 328 -1.57 -3.93 -22.28
CA TYR A 328 -2.94 -4.38 -22.52
C TYR A 328 -3.95 -3.52 -21.78
N ILE A 329 -3.73 -3.34 -20.48
CA ILE A 329 -4.64 -2.57 -19.66
C ILE A 329 -4.70 -1.09 -20.07
N HIS A 330 -3.54 -0.49 -20.30
CA HIS A 330 -3.48 0.89 -20.80
C HIS A 330 -4.28 1.08 -22.10
N ASP A 331 -4.09 0.17 -23.06
CA ASP A 331 -4.81 0.25 -24.34
C ASP A 331 -6.32 0.12 -24.14
N LEU A 332 -6.71 -0.81 -23.28
CA LEU A 332 -8.11 -1.00 -22.91
C LEU A 332 -8.71 0.28 -22.33
N ILE A 333 -8.00 0.89 -21.38
CA ILE A 333 -8.47 2.12 -20.74
C ILE A 333 -8.54 3.27 -21.75
N SER A 334 -7.51 3.37 -22.60
CA SER A 334 -7.43 4.41 -23.62
C SER A 334 -8.53 4.33 -24.69
N ALA A 335 -9.02 3.12 -24.94
CA ALA A 335 -10.05 2.91 -25.97
C ALA A 335 -11.48 3.03 -25.42
N ASP A 336 -11.61 3.16 -24.10
CA ASP A 336 -12.92 3.21 -23.43
C ASP A 336 -13.35 4.68 -23.27
N PRO A 337 -14.45 5.08 -23.96
CA PRO A 337 -14.82 6.49 -23.94
C PRO A 337 -15.32 6.97 -22.57
N TRP A 338 -15.91 6.09 -21.77
CA TRP A 338 -16.30 6.47 -20.41
C TRP A 338 -15.06 6.81 -19.58
N LEU A 339 -14.04 5.96 -19.64
CA LEU A 339 -12.80 6.19 -18.90
C LEU A 339 -12.02 7.40 -19.43
N ARG A 340 -12.02 7.57 -20.74
CA ARG A 340 -11.44 8.76 -21.35
C ARG A 340 -12.07 10.03 -20.78
N ALA A 341 -13.40 10.04 -20.68
CA ALA A 341 -14.14 11.19 -20.15
C ALA A 341 -13.95 11.39 -18.64
N ASN A 342 -13.72 10.31 -17.92
CA ASN A 342 -13.52 10.38 -16.48
C ASN A 342 -12.10 10.84 -16.12
N GLY A 343 -11.10 10.26 -16.78
CA GLY A 343 -9.69 10.64 -16.56
C GLY A 343 -8.87 9.59 -15.81
N PHE A 344 -9.56 8.61 -15.22
CA PHE A 344 -8.91 7.50 -14.53
C PHE A 344 -7.91 6.82 -15.44
N ARG A 345 -6.74 6.52 -14.92
CA ARG A 345 -5.78 5.74 -15.69
C ARG A 345 -4.70 5.09 -14.84
N ILE A 346 -3.95 4.17 -15.44
CA ILE A 346 -2.88 3.49 -14.74
C ILE A 346 -1.56 4.19 -15.03
N LEU A 347 -0.61 3.98 -14.11
CA LEU A 347 0.78 4.30 -14.33
C LEU A 347 1.44 3.00 -14.78
N ARG A 348 1.86 2.95 -16.03
CA ARG A 348 2.40 1.73 -16.62
C ARG A 348 3.76 1.31 -16.06
N GLU A 349 3.86 0.03 -15.71
CA GLU A 349 5.16 -0.62 -15.52
C GLU A 349 5.70 -0.95 -16.93
N VAL A 350 6.53 -0.05 -17.43
CA VAL A 350 6.89 -0.02 -18.85
C VAL A 350 7.99 -1.00 -19.24
N ALA A 351 8.83 -1.38 -18.27
CA ALA A 351 9.93 -2.27 -18.56
C ALA A 351 10.30 -2.99 -17.29
N SER A 352 10.90 -4.16 -17.44
CA SER A 352 11.25 -5.01 -16.31
C SER A 352 12.47 -5.84 -16.61
N MET A 353 13.16 -6.23 -15.53
CA MET A 353 14.34 -7.08 -15.62
CA MET A 353 14.33 -7.09 -15.62
C MET A 353 14.28 -8.11 -14.50
N GLY A 354 14.38 -9.39 -14.86
CA GLY A 354 14.37 -10.47 -13.87
C GLY A 354 15.68 -11.23 -13.94
N PHE A 355 16.38 -11.34 -12.81
CA PHE A 355 17.58 -12.17 -12.77
C PHE A 355 17.18 -13.52 -12.15
N ARG A 356 17.30 -14.58 -12.95
CA ARG A 356 16.97 -15.91 -12.45
C ARG A 356 18.15 -16.57 -11.78
N ASN A 357 17.93 -17.05 -10.57
CA ASN A 357 18.95 -17.77 -9.85
C ASN A 357 18.66 -19.25 -10.07
N TYR A 358 19.42 -19.88 -10.96
CA TYR A 358 19.14 -21.27 -11.37
C TYR A 358 19.47 -22.29 -10.27
N TYR A 359 20.27 -21.89 -9.28
CA TYR A 359 20.51 -22.78 -8.13
C TYR A 359 19.20 -22.93 -7.35
N TYR A 360 18.59 -21.81 -6.96
CA TYR A 360 17.31 -21.89 -6.23
C TYR A 360 16.20 -22.51 -7.09
N GLU A 361 16.18 -22.17 -8.37
CA GLU A 361 15.18 -22.72 -9.30
C GLU A 361 15.30 -24.24 -9.51
N ALA A 362 16.52 -24.75 -9.52
CA ALA A 362 16.74 -26.18 -9.63
C ALA A 362 16.36 -26.89 -8.34
N ALA A 363 16.59 -26.23 -7.21
CA ALA A 363 16.39 -26.84 -5.90
C ALA A 363 14.94 -26.85 -5.44
N ILE A 364 14.18 -25.79 -5.78
CA ILE A 364 12.83 -25.61 -5.27
C ILE A 364 11.83 -25.49 -6.42
N ASP A 365 10.88 -26.42 -6.48
CA ASP A 365 9.85 -26.38 -7.53
C ASP A 365 8.76 -25.36 -7.20
N THR A 366 8.53 -25.15 -5.92
CA THR A 366 7.42 -24.32 -5.44
C THR A 366 7.71 -22.83 -5.43
N ASP A 367 6.64 -22.04 -5.37
CA ASP A 367 6.69 -20.61 -5.11
C ASP A 367 7.50 -20.36 -3.84
N THR A 368 8.44 -19.42 -3.91
CA THR A 368 9.32 -19.10 -2.79
C THR A 368 9.95 -17.71 -2.97
N PRO A 369 10.15 -16.97 -1.85
CA PRO A 369 10.88 -15.70 -1.88
C PRO A 369 12.35 -15.80 -2.34
N TYR A 370 12.92 -17.01 -2.34
CA TYR A 370 14.33 -17.19 -2.74
C TYR A 370 14.57 -16.96 -4.24
N LYS A 371 13.52 -17.14 -5.02
CA LYS A 371 13.59 -16.92 -6.45
C LYS A 371 13.41 -15.45 -6.80
N LYS A 372 13.09 -14.63 -5.80
CA LYS A 372 12.57 -13.27 -6.02
C LYS A 372 13.49 -12.16 -5.49
N MET A 373 14.78 -12.48 -5.37
CA MET A 373 15.72 -11.59 -4.73
CA MET A 373 15.74 -11.59 -4.73
C MET A 373 16.38 -10.57 -5.65
N PHE A 374 16.24 -10.75 -6.96
CA PHE A 374 16.96 -9.86 -7.88
C PHE A 374 16.16 -9.56 -9.14
N SER A 375 15.25 -8.60 -9.02
CA SER A 375 14.49 -8.09 -10.16
C SER A 375 14.28 -6.59 -10.00
N ALA A 376 13.89 -5.95 -11.10
CA ALA A 376 13.58 -4.53 -11.11
C ALA A 376 12.54 -4.20 -12.18
N LEU A 377 11.79 -3.12 -11.97
CA LEU A 377 10.96 -2.57 -13.04
C LEU A 377 10.96 -1.05 -13.01
N TRP A 378 10.51 -0.46 -14.12
CA TRP A 378 10.43 0.99 -14.28
C TRP A 378 8.97 1.35 -14.48
N ARG A 379 8.51 2.38 -13.75
CA ARG A 379 7.11 2.79 -13.72
C ARG A 379 6.97 4.25 -14.15
N GLU A 380 6.01 4.47 -15.04
CA GLU A 380 5.62 5.78 -15.55
C GLU A 380 5.49 6.86 -14.46
N ASN A 381 6.13 8.01 -14.70
CA ASN A 381 6.07 9.16 -13.81
C ASN A 381 4.77 9.94 -13.98
N PRO A 382 3.97 10.08 -12.90
CA PRO A 382 2.66 10.72 -13.02
C PRO A 382 2.67 12.24 -13.21
N LEU A 383 3.78 12.89 -12.84
CA LEU A 383 3.87 14.36 -12.98
C LEU A 383 3.79 14.82 -14.42
N THR A 384 4.18 13.95 -15.35
CA THR A 384 4.19 14.23 -16.77
C THR A 384 2.76 14.18 -17.36
N LEU A 385 1.81 13.66 -16.59
CA LEU A 385 0.44 13.41 -17.08
C LEU A 385 -0.60 14.48 -16.68
N ILE A 386 -0.22 15.38 -15.77
CA ILE A 386 -1.18 16.32 -15.20
C ILE A 386 -1.03 17.72 -15.78
N ALA A 387 -2.02 18.57 -15.51
CA ALA A 387 -2.00 19.95 -16.02
C ALA A 387 -1.17 20.87 -15.11
N PRO A 388 -0.65 21.98 -15.68
CA PRO A 388 0.02 23.01 -14.88
C PRO A 388 -0.85 23.44 -13.71
N GLY A 389 -0.26 23.50 -12.52
CA GLY A 389 -0.97 23.97 -11.34
C GLY A 389 -1.61 22.85 -10.52
N GLN A 390 -1.83 21.69 -11.14
CA GLN A 390 -2.33 20.52 -10.40
C GLN A 390 -1.22 19.90 -9.56
N ASN A 391 -1.60 19.13 -8.55
CA ASN A 391 -0.60 18.43 -7.77
C ASN A 391 -1.06 17.03 -7.44
N LEU A 392 -0.13 16.21 -6.97
CA LEU A 392 -0.39 14.81 -6.72
C LEU A 392 -0.32 14.54 -5.26
N MET A 393 -1.17 13.63 -4.77
CA MET A 393 -1.02 13.15 -3.42
C MET A 393 -1.47 11.71 -3.28
N THR A 394 -0.68 10.96 -2.52
CA THR A 394 -1.05 9.58 -2.23
C THR A 394 -2.44 9.62 -1.57
N MET A 395 -3.33 8.72 -1.96
CA MET A 395 -4.66 8.67 -1.32
C MET A 395 -4.56 8.38 0.19
N ALA A 396 -3.46 7.75 0.61
CA ALA A 396 -3.20 7.57 2.06
C ALA A 396 -3.27 8.89 2.84
N ALA A 397 -3.06 10.01 2.15
CA ALA A 397 -3.00 11.32 2.79
C ALA A 397 -4.35 11.75 3.38
N LEU A 398 -5.45 11.25 2.79
CA LEU A 398 -6.78 11.57 3.30
C LEU A 398 -7.02 11.01 4.70
N LEU A 399 -6.26 9.99 5.07
CA LEU A 399 -6.33 9.42 6.42
C LEU A 399 -5.28 9.99 7.37
N HIS A 400 -4.45 10.92 6.90
CA HIS A 400 -3.33 11.40 7.70
C HIS A 400 -3.77 12.22 8.92
N VAL A 401 -3.17 11.88 10.07
CA VAL A 401 -3.29 12.65 11.31
C VAL A 401 -1.88 12.99 11.79
N ASP A 402 -1.60 14.28 11.97
CA ASP A 402 -0.24 14.72 12.34
C ASP A 402 0.09 14.40 13.82
N PRO A 403 1.36 14.55 14.23
CA PRO A 403 1.70 14.22 15.62
C PRO A 403 0.97 15.05 16.68
N GLN A 404 0.38 16.17 16.28
CA GLN A 404 -0.43 16.97 17.21
C GLN A 404 -1.89 16.50 17.25
N GLY A 405 -2.24 15.49 16.46
CA GLY A 405 -3.61 14.98 16.43
C GLY A 405 -4.53 15.70 15.46
N ARG A 406 -3.95 16.46 14.55
CA ARG A 406 -4.75 17.22 13.56
C ARG A 406 -4.85 16.46 12.26
N ALA A 407 -6.08 16.33 11.75
CA ALA A 407 -6.33 15.58 10.52
C ALA A 407 -6.09 16.43 9.30
N LEU A 408 -5.49 15.82 8.27
CA LEU A 408 -5.25 16.49 7.02
C LEU A 408 -6.53 16.78 6.24
N LEU A 409 -7.46 15.83 6.23
CA LEU A 409 -8.65 15.91 5.37
C LEU A 409 -9.48 17.21 5.51
N PRO A 410 -9.85 17.61 6.74
CA PRO A 410 -10.63 18.86 6.85
C PRO A 410 -9.87 20.09 6.36
N GLU A 411 -8.55 20.08 6.52
CA GLU A 411 -7.69 21.14 5.99
C GLU A 411 -7.72 21.21 4.48
N LEU A 412 -7.64 20.05 3.83
CA LEU A 412 -7.75 19.97 2.38
C LEU A 412 -9.14 20.42 1.92
N ILE A 413 -10.18 19.95 2.59
CA ILE A 413 -11.53 20.38 2.23
C ILE A 413 -11.71 21.89 2.46
N GLN A 414 -11.27 22.41 3.61
CA GLN A 414 -11.30 23.87 3.85
C GLN A 414 -10.58 24.64 2.74
N ALA A 415 -9.37 24.18 2.37
CA ALA A 415 -8.59 24.82 1.31
C ALA A 415 -9.33 24.86 -0.03
N SER A 416 -10.14 23.84 -0.29
CA SER A 416 -10.88 23.73 -1.56
C SER A 416 -12.03 24.72 -1.72
N GLY A 417 -12.57 25.24 -0.61
CA GLY A 417 -13.72 26.12 -0.66
C GLY A 417 -15.06 25.42 -0.80
N LEU A 418 -15.05 24.09 -0.98
CA LEU A 418 -16.27 23.33 -1.16
C LEU A 418 -16.81 22.76 0.16
N ASP A 419 -18.13 22.53 0.21
CA ASP A 419 -18.75 21.81 1.31
CA ASP A 419 -18.73 21.82 1.32
C ASP A 419 -18.26 20.37 1.29
N ALA A 420 -18.27 19.72 2.46
CA ALA A 420 -17.84 18.33 2.57
C ALA A 420 -18.54 17.40 1.57
N GLY A 421 -19.86 17.50 1.50
CA GLY A 421 -20.65 16.73 0.52
C GLY A 421 -20.19 16.84 -0.92
N THR A 422 -20.06 18.07 -1.43
CA THR A 422 -19.58 18.28 -2.81
C THR A 422 -18.14 17.77 -3.02
N TRP A 423 -17.28 17.97 -2.03
CA TRP A 423 -15.90 17.51 -2.11
C TRP A 423 -15.86 15.99 -2.20
N LEU A 424 -16.61 15.34 -1.32
CA LEU A 424 -16.65 13.88 -1.26
C LEU A 424 -17.27 13.24 -2.52
N GLU A 425 -18.23 13.92 -3.14
CA GLU A 425 -18.82 13.48 -4.40
C GLU A 425 -17.78 13.51 -5.52
N ARG A 426 -16.99 14.58 -5.60
CA ARG A 426 -15.88 14.65 -6.56
C ARG A 426 -14.85 13.52 -6.33
N TYR A 427 -14.51 13.30 -5.07
CA TYR A 427 -13.56 12.24 -4.71
C TYR A 427 -14.11 10.85 -5.10
N VAL A 428 -15.35 10.56 -4.74
CA VAL A 428 -15.95 9.27 -5.06
C VAL A 428 -16.00 9.00 -6.58
N ASP A 429 -16.37 10.02 -7.38
CA ASP A 429 -16.39 9.87 -8.84
C ASP A 429 -15.00 9.77 -9.48
N ALA A 430 -13.97 10.29 -8.80
CA ALA A 430 -12.58 10.14 -9.26
C ALA A 430 -11.98 8.77 -8.90
N TYR A 431 -12.39 8.24 -7.75
CA TYR A 431 -11.76 7.04 -7.21
C TYR A 431 -12.64 5.80 -7.39
N LEU A 432 -13.83 5.80 -6.80
CA LEU A 432 -14.66 4.60 -6.76
C LEU A 432 -15.37 4.32 -8.08
N THR A 433 -15.98 5.33 -8.69
CA THR A 433 -16.80 5.09 -9.87
C THR A 433 -16.01 4.40 -10.99
N PRO A 434 -14.77 4.85 -11.28
CA PRO A 434 -14.02 4.11 -12.32
C PRO A 434 -13.73 2.65 -11.97
N LEU A 435 -13.62 2.33 -10.67
CA LEU A 435 -13.41 0.95 -10.25
C LEU A 435 -14.65 0.12 -10.51
N ILE A 436 -15.81 0.74 -10.25
CA ILE A 436 -17.10 0.15 -10.54
C ILE A 436 -17.25 -0.09 -12.04
N HIS A 437 -16.94 0.93 -12.85
CA HIS A 437 -16.99 0.78 -14.31
C HIS A 437 -16.03 -0.30 -14.81
N CYS A 438 -14.78 -0.28 -14.33
CA CYS A 438 -13.80 -1.29 -14.76
C CYS A 438 -14.29 -2.70 -14.45
N PHE A 439 -14.89 -2.87 -13.28
CA PHE A 439 -15.48 -4.15 -12.92
C PHE A 439 -16.61 -4.56 -13.86
N TYR A 440 -17.63 -3.71 -13.96
CA TYR A 440 -18.83 -4.11 -14.74
C TYR A 440 -18.61 -4.20 -16.25
N ALA A 441 -17.89 -3.24 -16.82
CA ALA A 441 -17.70 -3.19 -18.27
C ALA A 441 -16.59 -4.11 -18.77
N HIS A 442 -15.58 -4.36 -17.93
CA HIS A 442 -14.39 -5.10 -18.38
C HIS A 442 -13.96 -6.26 -17.49
N ASP A 443 -14.66 -6.49 -16.39
CA ASP A 443 -14.26 -7.51 -15.40
C ASP A 443 -12.83 -7.26 -14.89
N LEU A 444 -12.42 -6.00 -14.92
CA LEU A 444 -11.06 -5.62 -14.58
C LEU A 444 -11.01 -5.12 -13.15
N VAL A 445 -10.16 -5.75 -12.34
CA VAL A 445 -10.01 -5.39 -10.92
C VAL A 445 -8.54 -5.08 -10.57
N PHE A 446 -8.35 -4.22 -9.56
CA PHE A 446 -7.02 -3.80 -9.12
C PHE A 446 -6.87 -4.10 -7.63
N MET A 447 -5.92 -3.44 -6.98
CA MET A 447 -5.82 -3.41 -5.51
C MET A 447 -5.85 -1.94 -5.05
N PRO A 448 -7.06 -1.37 -4.88
CA PRO A 448 -7.20 0.08 -4.73
C PRO A 448 -7.07 0.67 -3.31
N HIS A 449 -6.01 0.30 -2.60
CA HIS A 449 -5.77 0.88 -1.28
C HIS A 449 -5.05 2.23 -1.36
N GLY A 450 -4.83 2.87 -0.21
CA GLY A 450 -4.23 4.19 -0.13
C GLY A 450 -2.85 4.34 -0.78
N GLU A 451 -2.03 3.30 -0.75
CA GLU A 451 -0.67 3.40 -1.33
C GLU A 451 -0.66 3.17 -2.85
N ASN A 452 -1.69 2.50 -3.38
CA ASN A 452 -1.77 2.28 -4.83
C ASN A 452 -2.49 3.37 -5.62
N VAL A 453 -3.15 4.28 -4.92
CA VAL A 453 -3.94 5.31 -5.59
C VAL A 453 -3.29 6.67 -5.38
N ILE A 454 -3.07 7.39 -6.47
CA ILE A 454 -2.58 8.77 -6.42
C ILE A 454 -3.70 9.69 -6.89
N LEU A 455 -4.06 10.66 -6.05
CA LEU A 455 -5.11 11.60 -6.42
C LEU A 455 -4.47 12.80 -7.13
N VAL A 456 -5.11 13.23 -8.21
CA VAL A 456 -4.78 14.48 -8.87
C VAL A 456 -5.63 15.59 -8.23
N ILE A 457 -4.97 16.56 -7.60
CA ILE A 457 -5.65 17.59 -6.83
C ILE A 457 -5.58 18.91 -7.58
N GLN A 458 -6.73 19.55 -7.68
CA GLN A 458 -6.83 20.85 -8.30
C GLN A 458 -7.49 21.81 -7.32
N ASP A 459 -6.72 22.76 -6.82
CA ASP A 459 -7.21 23.71 -5.81
C ASP A 459 -7.94 22.98 -4.68
N GLY A 460 -7.29 21.95 -4.14
CA GLY A 460 -7.86 21.18 -3.04
C GLY A 460 -8.85 20.09 -3.42
N VAL A 461 -9.24 20.03 -4.70
CA VAL A 461 -10.30 19.12 -5.16
C VAL A 461 -9.73 17.94 -5.96
N PRO A 462 -10.11 16.68 -5.62
CA PRO A 462 -9.64 15.58 -6.45
C PRO A 462 -10.37 15.58 -7.78
N VAL A 463 -9.64 15.69 -8.88
CA VAL A 463 -10.28 15.75 -10.19
C VAL A 463 -10.19 14.43 -10.94
N ARG A 464 -9.21 13.62 -10.59
CA ARG A 464 -9.10 12.24 -11.08
C ARG A 464 -8.05 11.47 -10.29
N ALA A 465 -7.86 10.22 -10.65
CA ALA A 465 -7.00 9.32 -9.88
C ALA A 465 -6.14 8.46 -10.81
N PHE A 466 -4.95 8.14 -10.33
CA PHE A 466 -4.05 7.23 -11.02
C PHE A 466 -3.91 5.97 -10.16
N MET A 467 -3.86 4.82 -10.82
CA MET A 467 -3.68 3.54 -10.17
C MET A 467 -2.29 3.02 -10.51
N LYS A 468 -1.55 2.61 -9.50
CA LYS A 468 -0.29 1.91 -9.77
C LYS A 468 -0.28 0.52 -9.15
N ASP A 469 0.80 -0.23 -9.38
CA ASP A 469 0.96 -1.62 -8.91
C ASP A 469 0.00 -2.53 -9.67
N ILE A 470 0.27 -2.66 -10.97
CA ILE A 470 -0.72 -3.18 -11.92
C ILE A 470 -0.59 -4.69 -12.18
N ALA A 471 0.58 -5.13 -12.63
CA ALA A 471 0.75 -6.51 -13.09
C ALA A 471 0.70 -7.53 -11.97
N GLU A 472 1.09 -7.12 -10.77
CA GLU A 472 1.07 -8.02 -9.63
C GLU A 472 -0.34 -8.21 -9.10
N GLU A 473 -1.12 -7.13 -9.12
CA GLU A 473 -2.37 -7.07 -8.38
C GLU A 473 -3.63 -7.17 -9.23
N SER A 474 -3.53 -6.88 -10.52
CA SER A 474 -4.74 -6.78 -11.34
C SER A 474 -5.14 -8.13 -11.91
N SER A 475 -6.45 -8.27 -12.16
CA SER A 475 -7.02 -9.44 -12.82
C SER A 475 -8.09 -9.01 -13.81
N ILE A 476 -8.20 -9.76 -14.91
CA ILE A 476 -9.44 -9.74 -15.69
C ILE A 476 -10.21 -11.01 -15.38
N LEU A 477 -11.40 -10.82 -14.79
CA LEU A 477 -12.20 -11.91 -14.27
C LEU A 477 -13.10 -12.50 -15.36
N ASN A 478 -12.47 -13.00 -16.41
CA ASN A 478 -13.16 -13.55 -17.56
C ASN A 478 -12.18 -14.32 -18.40
N PRO A 479 -12.13 -15.65 -18.23
CA PRO A 479 -11.18 -16.49 -18.96
C PRO A 479 -11.36 -16.45 -20.48
N GLN A 480 -12.46 -15.87 -20.96
CA GLN A 480 -12.73 -15.72 -22.40
C GLN A 480 -11.97 -14.56 -23.06
N VAL A 481 -11.36 -13.69 -22.26
CA VAL A 481 -10.60 -12.57 -22.79
C VAL A 481 -9.42 -13.04 -23.65
N ARG A 482 -9.21 -12.37 -24.78
CA ARG A 482 -8.11 -12.68 -25.69
C ARG A 482 -6.91 -11.80 -25.40
N LEU A 483 -5.86 -12.41 -24.85
CA LEU A 483 -4.67 -11.68 -24.43
C LEU A 483 -3.45 -12.13 -25.21
N PRO A 484 -2.49 -11.21 -25.42
CA PRO A 484 -1.17 -11.64 -25.89
C PRO A 484 -0.62 -12.72 -24.95
N GLN A 485 0.15 -13.65 -25.52
CA GLN A 485 0.62 -14.81 -24.77
C GLN A 485 1.34 -14.41 -23.48
N ALA A 486 2.19 -13.40 -23.59
CA ALA A 486 2.99 -12.88 -22.47
C ALA A 486 2.12 -12.33 -21.32
N ALA A 487 0.89 -11.92 -21.65
CA ALA A 487 0.00 -11.31 -20.67
C ALA A 487 -1.09 -12.24 -20.16
N GLN A 488 -1.00 -13.53 -20.50
CA GLN A 488 -2.07 -14.50 -20.22
C GLN A 488 -2.44 -14.66 -18.73
N ARG A 489 -1.46 -14.51 -17.83
CA ARG A 489 -1.71 -14.65 -16.40
C ARG A 489 -2.60 -13.53 -15.80
N LEU A 490 -2.83 -12.45 -16.56
CA LEU A 490 -3.79 -11.42 -16.14
C LEU A 490 -5.19 -12.03 -15.96
N ALA A 491 -5.57 -12.92 -16.88
CA ALA A 491 -6.89 -13.54 -16.85
C ALA A 491 -7.04 -14.44 -15.63
N ALA A 492 -8.15 -14.26 -14.93
CA ALA A 492 -8.42 -15.08 -13.75
C ALA A 492 -9.87 -15.48 -13.72
N ASP A 493 -10.18 -16.48 -12.92
CA ASP A 493 -11.56 -16.92 -12.75
C ASP A 493 -11.87 -17.23 -11.29
N VAL A 494 -12.70 -16.38 -10.71
CA VAL A 494 -13.03 -16.36 -9.30
C VAL A 494 -14.50 -16.78 -9.10
N PRO A 495 -14.80 -17.55 -8.04
CA PRO A 495 -16.19 -17.90 -7.74
C PRO A 495 -17.11 -16.70 -7.76
N GLU A 496 -18.37 -16.90 -8.13
CA GLU A 496 -19.31 -15.79 -8.27
C GLU A 496 -19.50 -14.99 -6.99
N ALA A 497 -19.46 -15.67 -5.84
CA ALA A 497 -19.67 -15.03 -4.55
C ALA A 497 -18.54 -14.05 -4.17
N TYR A 498 -17.38 -14.16 -4.80
CA TYR A 498 -16.22 -13.35 -4.39
C TYR A 498 -15.74 -12.37 -5.47
N LYS A 499 -16.53 -12.21 -6.54
CA LYS A 499 -16.14 -11.32 -7.64
C LYS A 499 -15.97 -9.85 -7.20
N LEU A 500 -16.81 -9.40 -6.26
CA LEU A 500 -16.80 -8.01 -5.77
C LEU A 500 -15.79 -7.76 -4.65
N LEU A 501 -14.92 -8.74 -4.42
CA LEU A 501 -13.93 -8.65 -3.35
C LEU A 501 -13.20 -7.29 -3.34
N THR A 502 -12.71 -6.84 -4.50
CA THR A 502 -11.90 -5.62 -4.54
CA THR A 502 -11.93 -5.61 -4.62
C THR A 502 -12.67 -4.36 -4.11
N ILE A 503 -13.98 -4.33 -4.33
CA ILE A 503 -14.79 -3.19 -3.90
C ILE A 503 -15.15 -3.33 -2.43
N PHE A 504 -15.78 -4.44 -2.06
CA PHE A 504 -16.20 -4.64 -0.68
C PHE A 504 -15.03 -4.67 0.31
N VAL A 505 -14.00 -5.44 -0.01
CA VAL A 505 -12.89 -5.65 0.91
C VAL A 505 -11.88 -4.52 0.82
N ASP A 506 -11.38 -4.27 -0.40
CA ASP A 506 -10.30 -3.31 -0.55
C ASP A 506 -10.75 -1.85 -0.44
N VAL A 507 -11.93 -1.53 -0.97
CA VAL A 507 -12.44 -0.16 -0.89
C VAL A 507 -13.28 0.07 0.39
N PHE A 508 -14.40 -0.64 0.54
CA PHE A 508 -15.31 -0.36 1.68
C PHE A 508 -14.66 -0.66 3.05
N GLU A 509 -14.24 -1.90 3.23
CA GLU A 509 -13.72 -2.37 4.53
C GLU A 509 -12.29 -1.88 4.75
N GLY A 510 -11.49 -1.86 3.68
CA GLY A 510 -10.06 -1.55 3.80
C GLY A 510 -9.72 -0.07 3.83
N TYR A 511 -10.55 0.74 3.20
CA TYR A 511 -10.27 2.18 3.13
C TYR A 511 -11.40 3.08 3.65
N PHE A 512 -12.60 2.98 3.08
CA PHE A 512 -13.73 3.84 3.51
C PHE A 512 -14.08 3.69 4.98
N ARG A 513 -13.94 2.49 5.52
CA ARG A 513 -14.17 2.25 6.96
C ARG A 513 -13.35 3.22 7.83
N HIS A 514 -12.10 3.45 7.44
CA HIS A 514 -11.21 4.32 8.19
C HIS A 514 -11.50 5.79 7.86
N LEU A 515 -11.88 6.02 6.62
CA LEU A 515 -12.25 7.37 6.18
C LEU A 515 -13.43 7.94 6.98
N THR A 516 -14.47 7.15 7.22
CA THR A 516 -15.66 7.69 7.90
C THR A 516 -15.43 8.01 9.39
N GLN A 517 -14.49 7.31 10.03
CA GLN A 517 -14.05 7.70 11.38
C GLN A 517 -13.47 9.12 11.36
N ILE A 518 -12.65 9.42 10.35
CA ILE A 518 -12.05 10.75 10.22
C ILE A 518 -13.16 11.77 9.97
N LEU A 519 -14.07 11.44 9.05
CA LEU A 519 -15.20 12.33 8.72
C LEU A 519 -16.06 12.69 9.92
N VAL A 520 -16.31 11.71 10.79
CA VAL A 520 -17.14 11.91 11.98
C VAL A 520 -16.35 12.65 13.07
N GLU A 521 -15.11 12.21 13.31
CA GLU A 521 -14.27 12.87 14.33
C GLU A 521 -14.07 14.34 14.05
N THR A 522 -13.89 14.69 12.78
CA THR A 522 -13.61 16.08 12.41
C THR A 522 -14.88 16.87 12.10
N GLU A 523 -16.03 16.24 12.31
CA GLU A 523 -17.34 16.87 12.12
C GLU A 523 -17.64 17.30 10.67
N LEU A 524 -16.94 16.68 9.72
CA LEU A 524 -17.19 16.97 8.31
C LEU A 524 -18.51 16.38 7.80
N MET A 525 -18.84 15.16 8.24
CA MET A 525 -19.97 14.42 7.70
C MET A 525 -20.32 13.19 8.55
N PRO A 526 -21.61 12.96 8.84
CA PRO A 526 -21.98 11.73 9.55
C PRO A 526 -21.78 10.52 8.64
N GLU A 527 -21.50 9.35 9.22
CA GLU A 527 -21.22 8.17 8.39
C GLU A 527 -22.37 7.82 7.44
N HIS A 528 -23.61 7.99 7.89
CA HIS A 528 -24.76 7.64 7.06
C HIS A 528 -24.90 8.53 5.83
N ASP A 529 -24.58 9.81 6.00
CA ASP A 529 -24.54 10.76 4.88
C ASP A 529 -23.49 10.35 3.84
N PHE A 530 -22.34 9.87 4.31
CA PHE A 530 -21.29 9.42 3.43
C PHE A 530 -21.77 8.22 2.64
N TRP A 531 -22.37 7.26 3.32
CA TRP A 531 -22.81 6.04 2.64
C TRP A 531 -23.96 6.29 1.66
N ARG A 532 -24.82 7.26 1.97
CA ARG A 532 -25.88 7.70 1.04
C ARG A 532 -25.27 8.27 -0.24
N LEU A 533 -24.21 9.05 -0.06
CA LEU A 533 -23.49 9.67 -1.16
C LEU A 533 -22.84 8.61 -2.04
N VAL A 534 -22.17 7.65 -1.40
CA VAL A 534 -21.53 6.55 -2.11
C VAL A 534 -22.58 5.77 -2.91
N ALA A 535 -23.68 5.42 -2.25
CA ALA A 535 -24.75 4.66 -2.87
C ALA A 535 -25.30 5.41 -4.08
N GLY A 536 -25.44 6.73 -3.91
CA GLY A 536 -25.90 7.64 -4.96
C GLY A 536 -25.03 7.65 -6.20
N ARG A 537 -23.71 7.66 -6.02
CA ARG A 537 -22.77 7.58 -7.15
C ARG A 537 -22.88 6.23 -7.83
N ILE A 538 -22.97 5.15 -7.07
CA ILE A 538 -23.13 3.82 -7.65
C ILE A 538 -24.43 3.73 -8.46
N ALA A 539 -25.54 4.14 -7.85
CA ALA A 539 -26.85 4.06 -8.49
C ALA A 539 -26.93 4.90 -9.77
N ALA A 540 -26.32 6.09 -9.74
CA ALA A 540 -26.25 6.97 -10.90
C ALA A 540 -25.39 6.34 -12.00
N TYR A 541 -24.31 5.67 -11.62
CA TYR A 541 -23.52 4.97 -12.64
C TYR A 541 -24.36 3.87 -13.29
N GLN A 542 -25.02 3.05 -12.46
CA GLN A 542 -25.82 1.93 -12.96
C GLN A 542 -26.97 2.41 -13.85
N GLN A 543 -27.64 3.49 -13.41
CA GLN A 543 -28.71 4.13 -14.20
C GLN A 543 -28.23 4.58 -15.58
N ALA A 544 -26.99 5.06 -15.64
CA ALA A 544 -26.43 5.59 -16.88
C ALA A 544 -26.02 4.47 -17.83
N HIS A 545 -25.89 3.25 -17.30
CA HIS A 545 -25.47 2.10 -18.09
C HIS A 545 -26.39 0.92 -17.84
N PRO A 546 -27.69 1.08 -18.17
CA PRO A 546 -28.71 0.08 -17.80
C PRO A 546 -28.55 -1.26 -18.50
N GLN A 547 -27.80 -1.30 -19.59
N GLN A 547 -27.82 -1.30 -19.61
CA GLN A 547 -27.64 -2.52 -20.39
CA GLN A 547 -27.61 -2.52 -20.39
C GLN A 547 -26.87 -3.64 -19.68
C GLN A 547 -27.08 -3.65 -19.52
N ARG A 548 -26.21 -3.30 -18.57
CA ARG A 548 -25.48 -4.29 -17.78
C ARG A 548 -26.20 -4.68 -16.49
N LEU A 549 -27.52 -4.53 -16.49
CA LEU A 549 -28.35 -4.89 -15.32
C LEU A 549 -28.17 -6.34 -14.86
N ASP A 550 -27.97 -7.24 -15.81
N ASP A 550 -27.97 -7.25 -15.81
CA ASP A 550 -27.72 -8.65 -15.51
CA ASP A 550 -27.70 -8.68 -15.50
C ASP A 550 -26.56 -8.77 -14.53
C ASP A 550 -26.55 -8.78 -14.51
N LYS A 551 -25.51 -8.01 -14.79
CA LYS A 551 -24.32 -8.00 -13.96
C LYS A 551 -24.54 -7.30 -12.63
N TYR A 552 -25.32 -6.21 -12.63
CA TYR A 552 -25.61 -5.50 -11.37
C TYR A 552 -26.44 -6.36 -10.41
N ARG A 553 -27.29 -7.21 -10.98
CA ARG A 553 -28.07 -8.18 -10.21
C ARG A 553 -27.25 -9.36 -9.73
N ARG A 554 -26.37 -9.85 -10.60
CA ARG A 554 -25.60 -11.04 -10.32
C ARG A 554 -24.48 -10.76 -9.31
N TYR A 555 -23.85 -9.59 -9.48
CA TYR A 555 -22.80 -9.13 -8.57
C TYR A 555 -23.32 -7.86 -7.90
N ASP A 556 -24.00 -8.06 -6.78
CA ASP A 556 -24.87 -7.06 -6.19
C ASP A 556 -24.16 -6.25 -5.14
N LEU A 557 -23.87 -5.00 -5.48
CA LEU A 557 -23.22 -4.05 -4.58
C LEU A 557 -24.13 -3.62 -3.43
N PHE A 558 -25.43 -3.90 -3.59
CA PHE A 558 -26.43 -3.53 -2.60
C PHE A 558 -26.96 -4.73 -1.80
N ALA A 559 -26.29 -5.88 -1.88
CA ALA A 559 -26.64 -7.05 -1.10
C ALA A 559 -26.71 -6.69 0.38
N PRO A 560 -27.60 -7.36 1.15
CA PRO A 560 -27.71 -7.09 2.58
C PRO A 560 -26.39 -7.24 3.34
N ASP A 561 -25.61 -8.25 2.97
CA ASP A 561 -24.28 -8.47 3.53
C ASP A 561 -23.17 -8.34 2.48
N MET A 562 -22.00 -7.91 2.93
CA MET A 562 -20.87 -7.65 2.06
C MET A 562 -19.79 -8.70 2.27
N ILE A 563 -18.94 -8.90 1.26
CA ILE A 563 -17.71 -9.68 1.41
C ILE A 563 -16.81 -8.95 2.40
N HIS A 564 -16.17 -9.70 3.28
CA HIS A 564 -15.24 -9.09 4.22
C HIS A 564 -14.07 -10.02 4.48
N SER A 565 -12.94 -9.42 4.82
CA SER A 565 -11.73 -10.16 5.09
C SER A 565 -11.16 -9.74 6.44
N CYS A 566 -10.56 -10.68 7.15
CA CYS A 566 -9.88 -10.39 8.40
C CYS A 566 -8.38 -10.33 8.17
N LEU A 567 -7.89 -9.14 7.76
CA LEU A 567 -6.48 -8.98 7.39
C LEU A 567 -5.48 -9.36 8.49
N ASN A 568 -5.76 -8.95 9.72
CA ASN A 568 -4.87 -9.25 10.84
C ASN A 568 -4.83 -10.75 11.15
N ARG A 569 -5.99 -11.40 11.13
CA ARG A 569 -6.07 -12.87 11.21
C ARG A 569 -5.23 -13.55 10.14
N LEU A 570 -5.31 -13.06 8.91
CA LEU A 570 -4.54 -13.63 7.80
C LEU A 570 -3.04 -13.50 8.04
N GLN A 571 -2.58 -12.31 8.48
CA GLN A 571 -1.18 -12.10 8.81
C GLN A 571 -0.72 -12.97 9.98
N LEU A 572 -1.56 -13.06 11.02
CA LEU A 572 -1.28 -13.91 12.19
C LEU A 572 -1.25 -15.39 11.82
N ALA A 573 -2.03 -15.79 10.81
CA ALA A 573 -2.06 -17.18 10.37
C ALA A 573 -0.85 -17.53 9.51
N ASN A 574 -0.45 -16.59 8.65
CA ASN A 574 0.75 -16.73 7.82
C ASN A 574 1.34 -15.37 7.46
N PRO A 592 -18.42 -14.68 10.80
CA PRO A 592 -19.77 -14.10 10.86
C PRO A 592 -20.01 -13.17 9.68
N ASN A 593 -21.25 -12.73 9.49
CA ASN A 593 -21.59 -11.80 8.41
C ASN A 593 -21.24 -10.35 8.78
N LEU A 594 -21.00 -9.54 7.76
CA LEU A 594 -20.80 -8.11 7.95
C LEU A 594 -21.86 -7.37 7.13
N PRO A 595 -22.76 -6.63 7.82
CA PRO A 595 -23.80 -5.95 7.03
C PRO A 595 -23.21 -4.87 6.10
N ASN A 596 -23.75 -4.81 4.90
CA ASN A 596 -23.29 -3.88 3.87
C ASN A 596 -23.83 -2.48 4.17
N PRO A 597 -22.95 -1.47 4.31
CA PRO A 597 -23.38 -0.13 4.72
C PRO A 597 -24.22 0.59 3.68
N ILE A 598 -24.27 0.11 2.44
CA ILE A 598 -25.18 0.72 1.44
C ILE A 598 -26.43 -0.10 1.11
N ALA A 599 -26.63 -1.22 1.80
CA ALA A 599 -27.79 -2.10 1.55
C ALA A 599 -29.15 -1.38 1.67
N CYS A 600 -29.24 -0.40 2.56
CA CYS A 600 -30.50 0.31 2.78
C CYS A 600 -30.83 1.34 1.70
N PHE A 601 -29.89 1.60 0.79
CA PHE A 601 -30.13 2.50 -0.33
C PHE A 601 -30.40 1.78 -1.65
N ARG A 602 -30.66 0.48 -1.57
CA ARG A 602 -30.83 -0.33 -2.76
C ARG A 602 -31.82 0.28 -3.75
N PRO A 603 -31.38 0.49 -5.01
CA PRO A 603 -32.26 1.07 -6.01
C PRO A 603 -33.36 0.10 -6.47
N SER A 604 -34.42 0.65 -7.07
CA SER A 604 -35.62 -0.11 -7.42
C SER A 604 -35.36 -1.24 -8.44
N TRP A 605 -34.45 -1.00 -9.38
CA TRP A 605 -34.17 -1.98 -10.45
C TRP A 605 -33.47 -3.25 -9.95
N LEU A 606 -33.17 -3.33 -8.66
CA LEU A 606 -32.52 -4.51 -8.09
C LEU A 606 -33.45 -5.32 -7.17
PG ATP B . 4.54 -0.60 -5.23
O1G ATP B . 3.21 -0.15 -4.70
O2G ATP B . 5.60 0.48 -5.24
O3G ATP B . 4.46 -1.31 -6.55
PB ATP B . 4.58 -3.02 -3.52
O1B ATP B . 5.53 -3.41 -2.40
O2B ATP B . 4.32 -4.02 -4.58
O3B ATP B . 5.17 -1.65 -4.16
PA ATP B . 2.00 -3.44 -2.18
O1A ATP B . 0.69 -2.75 -2.49
O2A ATP B . 2.17 -4.90 -2.50
O3A ATP B . 3.16 -2.53 -2.89
O5' ATP B . 2.21 -3.26 -0.61
C5' ATP B . 2.10 -1.95 -0.05
C4' ATP B . 3.40 -1.64 0.70
O4' ATP B . 3.39 -0.27 1.12
C3' ATP B . 3.55 -2.44 1.98
O3' ATP B . 4.95 -2.52 2.29
C2' ATP B . 2.87 -1.56 3.01
O2' ATP B . 3.29 -1.82 4.35
C1' ATP B . 3.32 -0.18 2.54
N9 ATP B . 2.36 0.89 2.90
C8 ATP B . 2.69 2.06 3.51
N7 ATP B . 1.60 2.85 3.69
C5 ATP B . 0.55 2.17 3.20
C6 ATP B . -0.89 2.44 3.07
N6 ATP B . -1.40 3.60 3.53
N1 ATP B . -1.68 1.49 2.48
C2 ATP B . -1.15 0.32 2.03
N3 ATP B . 0.16 0.01 2.11
C4 ATP B . 1.05 0.89 2.67
MG MG C . 2.40 -5.20 -5.06
MG MG D . 1.45 -1.14 -4.06
#